data_6DDH
#
_entry.id   6DDH
#
_cell.length_a   91.916
_cell.length_b   127.762
_cell.length_c   130.305
_cell.angle_alpha   90.00
_cell.angle_beta   90.00
_cell.angle_gamma   90.00
#
_symmetry.space_group_name_H-M   'I 2 2 2'
#
loop_
_entity.id
_entity.type
_entity.pdbx_description
1 polymer "Cytosolic purine 5'-nucleotidase"
2 non-polymer 'INOSINIC ACID'
3 water water
#
_entity_poly.entity_id   1
_entity_poly.type   'polypeptide(L)'
_entity_poly.pdbx_seq_one_letter_code
;GSSHHHHHHSSGLVPRGSMSTSWSDRLQNAADMPANMDKHALKKYRREAYHRVFVNRSLAMEKIKCFGFNMDYTLAVYKS
PEYESLGFELTVERLVSIGYPQELLSFAYDSTFPTRGLVFDTLYGNLLKVDAYGNLLVCAHGFNFIRGPETREQYPNKFI
QRDDTERFYILNTLFNLPETYLLACLVDFFTNCPRYTSCETGFKDGDLFMSYRSMFQDVRDAVDWVHYKGSLKEKTVENL
EKYVVKDGKLPLLLSRMKEVGKVFLATNSDYKYTDKIMTYLFDFPHGPKPGSSHRPWQSYFDLILVDARKPLFFGEGTVL
RQVDTKTGKLKIGTYTGPLQHGIVYSGGSSDTICDLLGAKGKDILYIGDHIFGDILKSKKRQGWQTFLVIPELAQELHVW
TDKSSLFEELQSLDIFLAELYKHLDSSSNERPDISSIQRRIKKVTHDMDMCYGMMGSLFRSGSRQTLFASQVMRYADLYA
ASFINLLYYPFSYLFRAAHVLMPHESTVEHTHVDINEMESPLATRNRTSVDFKDTDYKRHQLTRSISEIKPPNL
;
_entity_poly.pdbx_strand_id   A
#
loop_
_chem_comp.id
_chem_comp.type
_chem_comp.name
_chem_comp.formula
IMP non-polymer 'INOSINIC ACID' 'C10 H13 N4 O8 P'
#
# COMPACT_ATOMS: atom_id res chain seq x y z
N THR A 21 16.00 -10.41 5.11
CA THR A 21 15.15 -10.62 3.94
C THR A 21 13.84 -9.84 4.02
N SER A 22 13.76 -8.76 3.25
CA SER A 22 12.57 -7.93 3.18
C SER A 22 11.59 -8.51 2.16
N TRP A 23 10.41 -7.89 2.08
CA TRP A 23 9.41 -8.35 1.13
C TRP A 23 9.83 -8.04 -0.31
N SER A 24 10.47 -6.89 -0.54
CA SER A 24 10.98 -6.60 -1.88
C SER A 24 12.07 -7.58 -2.30
N ASP A 25 12.80 -8.17 -1.34
CA ASP A 25 13.77 -9.21 -1.70
C ASP A 25 13.07 -10.44 -2.26
N ARG A 26 11.96 -10.84 -1.62
CA ARG A 26 11.17 -11.96 -2.13
C ARG A 26 10.69 -11.68 -3.56
N LEU A 27 10.08 -10.51 -3.77
CA LEU A 27 9.58 -10.16 -5.09
C LEU A 27 10.71 -10.12 -6.12
N GLN A 28 11.83 -9.49 -5.77
CA GLN A 28 12.95 -9.40 -6.71
C GLN A 28 13.57 -10.78 -6.99
N ASN A 29 13.49 -11.72 -6.05
CA ASN A 29 13.97 -13.08 -6.33
C ASN A 29 13.04 -13.81 -7.30
N ALA A 30 11.72 -13.66 -7.11
CA ALA A 30 10.76 -14.23 -8.06
C ALA A 30 10.81 -13.52 -9.40
N ALA A 31 11.16 -12.22 -9.41
CA ALA A 31 11.25 -11.45 -10.65
C ALA A 31 12.39 -11.96 -11.53
N ASP A 32 13.53 -12.31 -10.94
CA ASP A 32 14.67 -12.74 -11.75
C ASP A 32 14.40 -14.04 -12.50
N MET A 33 13.35 -14.78 -12.13
CA MET A 33 13.03 -16.01 -12.84
C MET A 33 12.45 -15.70 -14.22
N PRO A 34 12.88 -16.42 -15.26
CA PRO A 34 12.17 -16.35 -16.53
C PRO A 34 10.86 -17.12 -16.44
N ALA A 35 9.90 -16.71 -17.25
CA ALA A 35 8.61 -17.39 -17.26
C ALA A 35 8.70 -18.67 -18.08
N ASN A 36 8.28 -19.79 -17.50
CA ASN A 36 8.08 -21.04 -18.24
C ASN A 36 6.60 -21.16 -18.52
N MET A 37 6.23 -21.03 -19.80
CA MET A 37 4.83 -20.89 -20.19
C MET A 37 4.17 -22.22 -20.55
N ASP A 38 4.83 -23.34 -20.27
CA ASP A 38 4.15 -24.63 -20.25
C ASP A 38 3.01 -24.59 -19.24
N LYS A 39 1.86 -25.14 -19.65
CA LYS A 39 0.68 -25.12 -18.80
C LYS A 39 0.92 -25.79 -17.45
N HIS A 40 1.49 -26.99 -17.46
CA HIS A 40 1.67 -27.76 -16.22
C HIS A 40 2.61 -27.07 -15.25
N ALA A 41 3.65 -26.41 -15.78
CA ALA A 41 4.56 -25.66 -14.92
C ALA A 41 3.84 -24.50 -14.24
N LEU A 42 2.94 -23.83 -14.96
CA LEU A 42 2.17 -22.73 -14.40
C LEU A 42 1.28 -23.22 -13.26
N LYS A 43 0.40 -24.19 -13.54
CA LYS A 43 -0.56 -24.65 -12.53
C LYS A 43 0.14 -25.12 -11.27
N LYS A 44 1.28 -25.79 -11.41
CA LYS A 44 2.05 -26.20 -10.24
C LYS A 44 2.68 -25.00 -9.55
N TYR A 45 3.06 -23.98 -10.33
CA TYR A 45 3.63 -22.76 -9.77
C TYR A 45 2.60 -22.01 -8.91
N ARG A 46 1.39 -21.80 -9.46
CA ARG A 46 0.39 -20.95 -8.82
C ARG A 46 -0.21 -21.56 -7.56
N ARG A 47 0.10 -22.83 -7.27
CA ARG A 47 -0.40 -23.44 -6.05
C ARG A 47 0.49 -23.17 -4.84
N GLU A 48 1.78 -22.88 -5.07
CA GLU A 48 2.64 -22.39 -4.01
C GLU A 48 2.16 -21.01 -3.55
N ALA A 49 2.14 -20.80 -2.23
CA ALA A 49 1.43 -19.66 -1.65
C ALA A 49 1.96 -18.33 -2.13
N TYR A 50 3.25 -18.25 -2.46
CA TYR A 50 3.86 -16.94 -2.66
C TYR A 50 3.52 -16.36 -4.02
N HIS A 51 3.26 -17.23 -5.00
CA HIS A 51 2.88 -16.83 -6.34
C HIS A 51 1.39 -16.95 -6.57
N ARG A 52 0.60 -17.09 -5.50
CA ARG A 52 -0.82 -17.34 -5.57
C ARG A 52 -1.58 -16.03 -5.68
N VAL A 53 -2.74 -16.08 -6.34
CA VAL A 53 -3.72 -15.00 -6.25
C VAL A 53 -4.80 -15.43 -5.28
N PHE A 54 -5.05 -14.60 -4.26
CA PHE A 54 -6.02 -14.91 -3.22
C PHE A 54 -7.34 -14.21 -3.54
N VAL A 55 -8.45 -14.85 -3.16
CA VAL A 55 -9.77 -14.54 -3.71
C VAL A 55 -10.75 -14.25 -2.57
N ASN A 56 -11.26 -13.02 -2.53
CA ASN A 56 -12.34 -12.71 -1.58
C ASN A 56 -13.73 -12.90 -2.19
N ARG A 57 -13.90 -12.55 -3.47
CA ARG A 57 -15.15 -12.77 -4.17
C ARG A 57 -14.80 -13.39 -5.51
N SER A 58 -15.65 -14.33 -5.95
CA SER A 58 -15.40 -15.01 -7.20
C SER A 58 -15.29 -14.00 -8.34
N LEU A 59 -14.44 -14.33 -9.30
CA LEU A 59 -14.22 -13.42 -10.41
C LEU A 59 -13.91 -14.28 -11.64
N ALA A 60 -14.74 -14.14 -12.65
CA ALA A 60 -14.58 -14.85 -13.90
C ALA A 60 -13.71 -13.99 -14.82
N MET A 61 -12.44 -14.37 -14.97
CA MET A 61 -11.53 -13.55 -15.76
C MET A 61 -12.00 -13.36 -17.20
N GLU A 62 -12.72 -14.35 -17.76
CA GLU A 62 -13.16 -14.21 -19.15
C GLU A 62 -14.17 -13.08 -19.35
N LYS A 63 -14.84 -12.63 -18.29
CA LYS A 63 -15.73 -11.49 -18.41
C LYS A 63 -15.01 -10.15 -18.29
N ILE A 64 -13.71 -10.15 -17.97
CA ILE A 64 -12.97 -8.91 -17.85
C ILE A 64 -12.65 -8.38 -19.24
N LYS A 65 -12.97 -7.11 -19.48
CA LYS A 65 -12.67 -6.50 -20.78
C LYS A 65 -11.54 -5.48 -20.73
N CYS A 66 -11.33 -4.80 -19.59
CA CYS A 66 -10.21 -3.89 -19.42
C CYS A 66 -9.46 -4.21 -18.14
N PHE A 67 -8.14 -4.17 -18.25
CA PHE A 67 -7.25 -4.24 -17.12
C PHE A 67 -6.67 -2.86 -16.90
N GLY A 68 -6.79 -2.35 -15.67
CA GLY A 68 -6.28 -1.04 -15.33
C GLY A 68 -5.29 -1.10 -14.19
N PHE A 69 -4.35 -0.15 -14.17
CA PHE A 69 -3.26 -0.12 -13.20
C PHE A 69 -3.02 1.29 -12.70
N ASN A 70 -2.63 1.40 -11.43
CA ASN A 70 -1.79 2.53 -11.01
C ASN A 70 -0.33 2.12 -11.19
N MET A 71 0.60 3.04 -10.87
CA MET A 71 2.02 2.77 -11.09
C MET A 71 2.76 2.47 -9.79
N ASP A 72 2.74 3.39 -8.82
CA ASP A 72 3.57 3.26 -7.62
C ASP A 72 3.20 2.03 -6.81
N TYR A 73 4.20 1.19 -6.51
CA TYR A 73 4.01 -0.01 -5.70
C TYR A 73 3.06 -1.01 -6.36
N THR A 74 2.87 -0.90 -7.66
CA THR A 74 2.10 -1.88 -8.43
C THR A 74 2.91 -2.33 -9.63
N LEU A 75 3.07 -1.43 -10.61
CA LEU A 75 4.03 -1.63 -11.69
C LEU A 75 5.45 -1.36 -11.20
N ALA A 76 5.64 -0.25 -10.51
CA ALA A 76 6.93 0.17 -9.99
C ALA A 76 6.92 -0.14 -8.50
N VAL A 77 7.57 -1.24 -8.11
CA VAL A 77 7.63 -1.67 -6.73
C VAL A 77 8.95 -1.20 -6.12
N TYR A 78 8.87 -0.35 -5.10
CA TYR A 78 10.07 0.29 -4.57
C TYR A 78 10.74 -0.63 -3.56
N LYS A 79 12.05 -0.78 -3.68
CA LYS A 79 12.77 -1.73 -2.85
C LYS A 79 12.85 -1.25 -1.41
N SER A 80 12.78 -2.21 -0.48
CA SER A 80 12.61 -2.03 0.96
C SER A 80 13.77 -2.70 1.68
N PRO A 81 14.38 -2.03 2.68
CA PRO A 81 13.99 -0.72 3.22
C PRO A 81 14.61 0.49 2.52
N GLU A 82 15.32 0.29 1.41
CA GLU A 82 16.10 1.39 0.83
C GLU A 82 15.23 2.60 0.54
N TYR A 83 14.07 2.37 -0.05
CA TYR A 83 13.26 3.49 -0.52
C TYR A 83 12.54 4.19 0.63
N GLU A 84 12.01 3.44 1.60
CA GLU A 84 11.52 4.07 2.82
C GLU A 84 12.61 4.89 3.49
N SER A 85 13.82 4.33 3.56
CA SER A 85 14.90 5.02 4.25
C SER A 85 15.30 6.32 3.53
N LEU A 86 15.29 6.31 2.19
CA LEU A 86 15.49 7.56 1.46
C LEU A 86 14.40 8.58 1.80
N GLY A 87 13.13 8.17 1.75
CA GLY A 87 12.05 9.10 2.06
C GLY A 87 12.14 9.65 3.48
N PHE A 88 12.57 8.81 4.42
CA PHE A 88 12.75 9.22 5.81
C PHE A 88 13.86 10.27 5.91
N GLU A 89 15.02 9.99 5.30
CA GLU A 89 16.14 10.94 5.31
C GLU A 89 15.74 12.29 4.76
N LEU A 90 15.13 12.30 3.56
CA LEU A 90 14.75 13.57 2.95
C LEU A 90 13.70 14.31 3.77
N THR A 91 12.79 13.57 4.43
CA THR A 91 11.77 14.23 5.25
C THR A 91 12.39 14.84 6.50
N VAL A 92 13.26 14.08 7.17
CA VAL A 92 14.02 14.61 8.31
C VAL A 92 14.75 15.89 7.91
N GLU A 93 15.47 15.84 6.78
CA GLU A 93 16.24 17.00 6.34
C GLU A 93 15.34 18.19 6.11
N ARG A 94 14.15 17.95 5.53
CA ARG A 94 13.21 19.04 5.31
C ARG A 94 12.76 19.65 6.63
N LEU A 95 12.49 18.81 7.65
CA LEU A 95 12.07 19.35 8.95
C LEU A 95 13.21 20.16 9.57
N VAL A 96 14.44 19.65 9.50
CA VAL A 96 15.57 20.39 10.07
C VAL A 96 15.77 21.71 9.32
N SER A 97 15.61 21.68 7.99
CA SER A 97 15.77 22.89 7.20
C SER A 97 14.75 23.97 7.59
N ILE A 98 13.57 23.57 8.10
CA ILE A 98 12.58 24.57 8.51
C ILE A 98 12.67 24.91 9.99
N GLY A 99 13.62 24.35 10.72
CA GLY A 99 13.84 24.79 12.09
C GLY A 99 13.72 23.75 13.19
N TYR A 100 13.38 22.51 12.84
CA TYR A 100 13.42 21.44 13.84
C TYR A 100 14.86 21.23 14.32
N PRO A 101 15.03 20.78 15.56
CA PRO A 101 16.39 20.68 16.13
C PRO A 101 17.28 19.70 15.40
N GLN A 102 18.60 19.97 15.47
CA GLN A 102 19.59 19.20 14.75
C GLN A 102 19.57 17.72 15.11
N GLU A 103 19.13 17.38 16.32
CA GLU A 103 19.21 15.99 16.77
C GLU A 103 18.45 15.06 15.83
N LEU A 104 17.43 15.56 15.15
CA LEU A 104 16.74 14.76 14.15
C LEU A 104 17.70 14.10 13.18
N LEU A 105 18.83 14.76 12.86
CA LEU A 105 19.78 14.21 11.92
C LEU A 105 20.34 12.88 12.38
N SER A 106 20.23 12.57 13.68
CA SER A 106 20.77 11.33 14.21
C SER A 106 19.78 10.18 14.20
N PHE A 107 18.51 10.43 13.84
CA PHE A 107 17.60 9.33 13.57
C PHE A 107 18.12 8.52 12.39
N ALA A 108 17.76 7.25 12.35
CA ALA A 108 18.03 6.40 11.19
C ALA A 108 16.84 5.48 11.03
N TYR A 109 16.33 5.37 9.80
CA TYR A 109 15.17 4.54 9.53
C TYR A 109 15.35 3.11 10.02
N ASP A 110 14.30 2.58 10.62
CA ASP A 110 14.34 1.23 11.19
C ASP A 110 13.09 0.50 10.74
N SER A 111 13.26 -0.41 9.78
CA SER A 111 12.12 -1.07 9.18
C SER A 111 11.44 -2.06 10.14
N THR A 112 12.08 -2.42 11.26
CA THR A 112 11.40 -3.36 12.15
C THR A 112 10.29 -2.70 12.96
N PHE A 113 10.27 -1.34 13.03
CA PHE A 113 9.25 -0.69 13.87
C PHE A 113 7.90 -0.54 13.19
N PRO A 114 7.78 0.15 12.05
CA PRO A 114 6.44 0.43 11.54
C PRO A 114 5.80 -0.77 10.86
N THR A 115 4.50 -0.95 11.14
CA THR A 115 3.62 -1.73 10.28
C THR A 115 2.64 -0.76 9.64
N ARG A 116 2.27 -1.01 8.39
CA ARG A 116 1.37 -0.13 7.66
C ARG A 116 -0.05 -0.18 8.25
N GLY A 117 -0.76 0.95 8.14
CA GLY A 117 -2.15 1.01 8.54
C GLY A 117 -2.39 1.45 9.97
N LEU A 118 -1.35 1.87 10.67
CA LEU A 118 -1.53 2.40 12.01
C LEU A 118 -2.23 3.76 11.96
N VAL A 119 -2.85 4.10 13.08
CA VAL A 119 -3.59 5.35 13.22
C VAL A 119 -2.78 6.26 14.12
N PHE A 120 -2.49 7.48 13.66
CA PHE A 120 -1.85 8.44 14.55
C PHE A 120 -2.91 9.33 15.20
N ASP A 121 -2.92 9.31 16.53
CA ASP A 121 -3.84 10.12 17.32
C ASP A 121 -3.17 11.46 17.59
N THR A 122 -3.61 12.52 16.87
CA THR A 122 -2.97 13.83 17.02
C THR A 122 -3.31 14.50 18.34
N LEU A 123 -4.26 13.98 19.11
CA LEU A 123 -4.52 14.59 20.40
C LEU A 123 -3.50 14.16 21.44
N TYR A 124 -3.18 12.88 21.49
CA TYR A 124 -2.32 12.36 22.54
C TYR A 124 -0.98 11.87 22.04
N GLY A 125 -0.70 12.01 20.74
CA GLY A 125 0.60 11.65 20.21
C GLY A 125 0.92 10.17 20.19
N ASN A 126 -0.07 9.31 19.92
CA ASN A 126 0.11 7.86 19.95
C ASN A 126 -0.08 7.26 18.56
N LEU A 127 0.67 6.20 18.30
CA LEU A 127 0.37 5.32 17.16
C LEU A 127 -0.55 4.21 17.65
N LEU A 128 -1.63 3.96 16.92
CA LEU A 128 -2.59 2.97 17.34
C LEU A 128 -2.79 1.95 16.21
N LYS A 129 -2.85 0.69 16.61
CA LYS A 129 -3.30 -0.39 15.74
C LYS A 129 -4.69 -0.79 16.24
N VAL A 130 -5.67 -0.77 15.34
CA VAL A 130 -7.06 -0.97 15.71
C VAL A 130 -7.66 -2.06 14.82
N ASP A 131 -8.73 -2.67 15.30
CA ASP A 131 -9.50 -3.63 14.51
C ASP A 131 -10.53 -2.90 13.64
N ALA A 132 -11.41 -3.65 12.97
CA ALA A 132 -12.39 -3.04 12.08
C ALA A 132 -13.41 -2.16 12.80
N TYR A 133 -13.55 -2.32 14.12
CA TYR A 133 -14.55 -1.61 14.89
C TYR A 133 -13.94 -0.50 15.74
N GLY A 134 -12.67 -0.17 15.52
CA GLY A 134 -11.98 0.84 16.29
C GLY A 134 -11.50 0.41 17.64
N ASN A 135 -11.54 -0.88 17.96
CA ASN A 135 -10.98 -1.34 19.23
C ASN A 135 -9.46 -1.28 19.18
N LEU A 136 -8.84 -0.85 20.28
CA LEU A 136 -7.38 -0.76 20.35
C LEU A 136 -6.78 -2.15 20.46
N LEU A 137 -5.81 -2.44 19.59
CA LEU A 137 -5.00 -3.65 19.69
C LEU A 137 -3.60 -3.37 20.20
N VAL A 138 -2.98 -2.28 19.75
CA VAL A 138 -1.67 -1.84 20.20
C VAL A 138 -1.70 -0.33 20.34
N CYS A 139 -1.01 0.18 21.36
CA CYS A 139 -0.83 1.61 21.58
C CYS A 139 0.63 1.88 21.95
N ALA A 140 1.32 2.69 21.15
CA ALA A 140 2.68 3.09 21.45
C ALA A 140 2.79 4.61 21.52
N HIS A 141 3.38 5.10 22.60
CA HIS A 141 3.74 6.51 22.74
C HIS A 141 5.25 6.62 22.54
N GLY A 142 5.66 7.19 21.41
CA GLY A 142 7.05 7.09 21.04
C GLY A 142 7.37 5.63 20.81
N PHE A 143 8.40 5.12 21.48
CA PHE A 143 8.71 3.70 21.46
C PHE A 143 8.25 2.98 22.72
N ASN A 144 7.38 3.61 23.50
CA ASN A 144 6.86 3.01 24.72
C ASN A 144 5.52 2.36 24.40
N PHE A 145 5.47 1.02 24.50
CA PHE A 145 4.24 0.30 24.24
C PHE A 145 3.39 0.26 25.50
N ILE A 146 2.19 0.84 25.40
CA ILE A 146 1.32 1.04 26.55
C ILE A 146 0.48 -0.22 26.70
N ARG A 147 0.59 -0.88 27.86
CA ARG A 147 -0.21 -2.06 28.14
C ARG A 147 -1.66 -1.66 28.42
N GLY A 148 -2.57 -2.61 28.21
CA GLY A 148 -4.02 -2.40 28.27
C GLY A 148 -4.53 -1.48 29.36
N PRO A 149 -4.23 -1.79 30.63
CA PRO A 149 -4.71 -0.95 31.73
C PRO A 149 -4.36 0.52 31.61
N GLU A 150 -3.13 0.84 31.20
CA GLU A 150 -2.68 2.22 31.11
C GLU A 150 -3.26 2.97 29.91
N THR A 151 -3.72 2.26 28.88
CA THR A 151 -4.37 2.93 27.76
C THR A 151 -5.72 3.49 28.14
N ARG A 152 -6.37 2.92 29.16
CA ARG A 152 -7.73 3.29 29.52
C ARG A 152 -7.83 4.70 30.10
N GLU A 153 -6.71 5.27 30.54
CA GLU A 153 -6.71 6.68 30.96
C GLU A 153 -7.07 7.60 29.80
N GLN A 154 -6.44 7.41 28.64
CA GLN A 154 -6.73 8.21 27.45
C GLN A 154 -7.83 7.61 26.57
N TYR A 155 -8.07 6.31 26.65
CA TYR A 155 -9.08 5.64 25.85
C TYR A 155 -9.94 4.84 26.81
N PRO A 156 -10.93 5.47 27.45
CA PRO A 156 -11.69 4.77 28.51
C PRO A 156 -12.40 3.53 28.00
N ASN A 157 -12.80 3.53 26.74
CA ASN A 157 -13.47 2.39 26.14
C ASN A 157 -12.54 1.55 25.27
N LYS A 158 -11.23 1.79 25.33
CA LYS A 158 -10.28 1.15 24.40
C LYS A 158 -10.77 1.23 22.95
N PHE A 159 -11.22 2.42 22.59
CA PHE A 159 -11.98 2.63 21.36
C PHE A 159 -11.69 4.02 20.80
N ILE A 160 -11.59 4.12 19.47
CA ILE A 160 -11.49 5.41 18.81
C ILE A 160 -12.53 5.47 17.71
N GLN A 161 -13.03 6.68 17.45
CA GLN A 161 -13.93 6.95 16.31
C GLN A 161 -13.05 7.28 15.11
N ARG A 162 -12.78 6.29 14.23
CA ARG A 162 -11.79 6.53 13.18
C ARG A 162 -12.20 7.67 12.28
N ASP A 163 -13.50 7.84 12.05
CA ASP A 163 -13.96 8.86 11.11
C ASP A 163 -13.77 10.28 11.62
N ASP A 164 -13.31 10.46 12.86
CA ASP A 164 -12.94 11.78 13.36
C ASP A 164 -11.58 12.09 12.75
N THR A 165 -11.62 12.56 11.50
CA THR A 165 -10.43 12.83 10.71
C THR A 165 -9.69 14.09 11.15
N GLU A 166 -10.30 14.93 11.99
CA GLU A 166 -9.53 16.01 12.57
C GLU A 166 -8.53 15.48 13.58
N ARG A 167 -8.89 14.43 14.31
CA ARG A 167 -8.03 13.87 15.34
C ARG A 167 -7.14 12.74 14.84
N PHE A 168 -7.68 11.82 14.03
CA PHE A 168 -6.98 10.57 13.71
C PHE A 168 -6.60 10.56 12.23
N TYR A 169 -5.36 10.17 11.94
CA TYR A 169 -4.87 9.99 10.58
C TYR A 169 -4.42 8.54 10.41
N ILE A 170 -4.96 7.87 9.40
CA ILE A 170 -4.72 6.46 9.16
C ILE A 170 -3.59 6.34 8.15
N LEU A 171 -2.48 5.73 8.58
CA LEU A 171 -1.26 5.69 7.76
C LEU A 171 -1.33 4.46 6.85
N ASN A 172 -2.11 4.63 5.78
CA ASN A 172 -2.61 3.57 4.92
C ASN A 172 -1.64 3.10 3.83
N THR A 173 -0.70 3.95 3.44
CA THR A 173 0.11 3.65 2.26
C THR A 173 1.50 3.23 2.67
N LEU A 174 2.17 2.55 1.75
CA LEU A 174 3.58 2.28 1.95
C LEU A 174 4.38 3.56 2.00
N PHE A 175 3.94 4.61 1.29
CA PHE A 175 4.60 5.90 1.38
C PHE A 175 4.54 6.45 2.80
N ASN A 176 3.49 6.09 3.57
CA ASN A 176 3.37 6.49 4.97
C ASN A 176 4.33 5.75 5.90
N LEU A 177 5.06 4.74 5.42
CA LEU A 177 5.95 4.00 6.32
C LEU A 177 7.07 4.88 6.89
N PRO A 178 7.78 5.71 6.10
CA PRO A 178 8.77 6.60 6.74
C PRO A 178 8.19 7.49 7.85
N GLU A 179 7.01 8.09 7.65
CA GLU A 179 6.51 9.03 8.65
C GLU A 179 5.93 8.31 9.87
N THR A 180 5.38 7.11 9.68
CA THR A 180 4.99 6.28 10.81
C THR A 180 6.13 6.14 11.82
N TYR A 181 7.31 5.77 11.32
CA TYR A 181 8.47 5.66 12.20
C TYR A 181 8.95 7.03 12.66
N LEU A 182 8.89 8.04 11.77
CA LEU A 182 9.38 9.36 12.14
C LEU A 182 8.56 9.97 13.27
N LEU A 183 7.24 9.84 13.21
CA LEU A 183 6.38 10.36 14.28
C LEU A 183 6.76 9.76 15.63
N ALA A 184 6.98 8.43 15.67
CA ALA A 184 7.42 7.78 16.91
C ALA A 184 8.79 8.30 17.35
N CYS A 185 9.72 8.42 16.40
CA CYS A 185 11.02 9.04 16.69
C CYS A 185 10.85 10.42 17.31
N LEU A 186 10.03 11.28 16.69
CA LEU A 186 9.86 12.65 17.19
C LEU A 186 9.28 12.65 18.60
N VAL A 187 8.19 11.90 18.81
CA VAL A 187 7.61 11.81 20.16
C VAL A 187 8.65 11.32 21.15
N ASP A 188 9.41 10.29 20.78
CA ASP A 188 10.48 9.81 21.66
C ASP A 188 11.51 10.89 21.93
N PHE A 189 11.94 11.60 20.89
CA PHE A 189 12.99 12.58 21.09
C PHE A 189 12.54 13.70 22.01
N PHE A 190 11.38 14.30 21.74
CA PHE A 190 10.93 15.45 22.54
C PHE A 190 10.57 15.03 23.96
N THR A 191 10.03 13.83 24.15
CA THR A 191 9.71 13.38 25.50
C THR A 191 10.97 13.33 26.36
N ASN A 192 12.09 12.91 25.78
CA ASN A 192 13.30 12.64 26.52
C ASN A 192 14.35 13.72 26.37
N CYS A 193 14.03 14.84 25.73
CA CYS A 193 14.98 15.94 25.60
C CYS A 193 14.71 16.94 26.70
N PRO A 194 15.71 17.25 27.55
CA PRO A 194 15.45 18.09 28.74
C PRO A 194 15.07 19.53 28.41
N ARG A 195 15.25 20.01 27.18
CA ARG A 195 14.83 21.37 26.85
C ARG A 195 13.31 21.51 26.74
N TYR A 196 12.55 20.42 26.77
CA TYR A 196 11.11 20.48 26.58
C TYR A 196 10.41 19.94 27.81
N THR A 197 9.17 20.38 27.99
CA THR A 197 8.29 19.85 29.02
C THR A 197 7.17 19.07 28.33
N SER A 198 7.01 17.83 28.75
CA SER A 198 5.94 17.00 28.20
C SER A 198 4.61 17.38 28.83
N CYS A 199 3.60 17.54 27.97
CA CYS A 199 2.23 17.83 28.38
C CYS A 199 1.31 16.79 27.73
N GLU A 200 0.05 16.78 28.16
CA GLU A 200 -0.89 15.81 27.63
C GLU A 200 -0.97 15.88 26.12
N THR A 201 -0.95 17.09 25.55
CA THR A 201 -1.25 17.25 24.12
C THR A 201 -0.07 17.74 23.30
N GLY A 202 1.10 17.91 23.89
CA GLY A 202 2.27 18.27 23.12
C GLY A 202 3.43 18.61 24.01
N PHE A 203 4.34 19.41 23.48
CA PHE A 203 5.55 19.78 24.19
C PHE A 203 5.63 21.29 24.31
N LYS A 204 6.04 21.73 25.48
CA LYS A 204 6.22 23.12 25.83
C LYS A 204 7.71 23.42 25.90
N ASP A 205 8.15 24.46 25.21
CA ASP A 205 9.54 24.95 25.24
C ASP A 205 9.47 26.42 25.63
N GLY A 206 9.35 26.67 26.93
CA GLY A 206 9.11 28.02 27.44
C GLY A 206 7.86 28.66 26.87
N ASP A 207 8.03 29.58 25.94
CA ASP A 207 6.93 30.35 25.38
C ASP A 207 6.47 29.82 24.01
N LEU A 208 6.93 28.65 23.60
CA LEU A 208 6.43 27.98 22.41
C LEU A 208 5.78 26.66 22.82
N PHE A 209 4.57 26.43 22.33
CA PHE A 209 3.90 25.15 22.54
C PHE A 209 3.78 24.44 21.20
N MET A 210 4.34 23.24 21.12
CA MET A 210 4.19 22.38 19.93
C MET A 210 3.24 21.24 20.29
N SER A 211 2.01 21.34 19.79
CA SER A 211 1.06 20.26 19.98
C SER A 211 1.43 19.09 19.08
N TYR A 212 1.06 17.88 19.50
CA TYR A 212 1.27 16.72 18.63
C TYR A 212 0.58 16.92 17.30
N ARG A 213 -0.54 17.64 17.30
CA ARG A 213 -1.28 17.87 16.06
C ARG A 213 -0.47 18.74 15.09
N SER A 214 0.10 19.84 15.58
CA SER A 214 0.85 20.69 14.66
C SER A 214 2.17 20.05 14.27
N MET A 215 2.81 19.34 15.22
CA MET A 215 3.97 18.53 14.88
C MET A 215 3.61 17.54 13.77
N PHE A 216 2.46 16.88 13.92
CA PHE A 216 2.01 15.93 12.92
C PHE A 216 1.84 16.59 11.57
N GLN A 217 1.26 17.80 11.54
CA GLN A 217 1.02 18.45 10.25
C GLN A 217 2.34 18.84 9.60
N ASP A 218 3.33 19.27 10.40
CA ASP A 218 4.65 19.56 9.82
C ASP A 218 5.22 18.32 9.15
N VAL A 219 5.00 17.14 9.74
CA VAL A 219 5.52 15.92 9.15
C VAL A 219 4.80 15.63 7.83
N ARG A 220 3.47 15.70 7.83
CA ARG A 220 2.69 15.51 6.60
C ARG A 220 3.15 16.48 5.53
N ASP A 221 3.27 17.76 5.88
CA ASP A 221 3.73 18.77 4.92
C ASP A 221 5.11 18.41 4.38
N ALA A 222 6.00 17.96 5.24
CA ALA A 222 7.36 17.69 4.79
C ALA A 222 7.40 16.46 3.88
N VAL A 223 6.57 15.44 4.17
CA VAL A 223 6.48 14.31 3.25
C VAL A 223 5.96 14.78 1.89
N ASP A 224 4.82 15.48 1.88
CA ASP A 224 4.29 16.05 0.65
C ASP A 224 5.34 16.85 -0.10
N TRP A 225 6.08 17.71 0.62
CA TRP A 225 7.12 18.54 0.00
C TRP A 225 8.22 17.68 -0.62
N VAL A 226 8.65 16.63 0.07
CA VAL A 226 9.69 15.75 -0.48
C VAL A 226 9.22 15.14 -1.80
N HIS A 227 7.95 14.73 -1.85
CA HIS A 227 7.43 14.08 -3.06
C HIS A 227 7.23 15.07 -4.21
N TYR A 228 6.79 16.29 -3.91
CA TYR A 228 6.39 17.20 -4.98
C TYR A 228 7.48 18.21 -5.32
N LYS A 229 8.12 18.80 -4.32
CA LYS A 229 9.10 19.86 -4.53
C LYS A 229 10.52 19.47 -4.15
N GLY A 230 10.70 18.44 -3.35
CA GLY A 230 12.02 18.00 -2.93
C GLY A 230 12.70 17.15 -3.97
N SER A 231 13.60 16.28 -3.49
CA SER A 231 14.50 15.58 -4.38
C SER A 231 14.29 14.07 -4.40
N LEU A 232 13.15 13.57 -3.88
CA LEU A 232 12.95 12.13 -3.81
C LEU A 232 12.87 11.49 -5.19
N LYS A 233 12.09 12.08 -6.09
CA LYS A 233 11.98 11.54 -7.44
C LYS A 233 13.33 11.61 -8.17
N GLU A 234 14.02 12.74 -8.04
CA GLU A 234 15.34 12.88 -8.64
C GLU A 234 16.30 11.81 -8.12
N LYS A 235 16.33 11.61 -6.80
CA LYS A 235 17.26 10.61 -6.28
C LYS A 235 16.83 9.21 -6.67
N THR A 236 15.54 8.98 -6.85
CA THR A 236 15.09 7.65 -7.27
C THR A 236 15.57 7.35 -8.67
N VAL A 237 15.31 8.26 -9.60
CA VAL A 237 15.58 8.01 -11.00
C VAL A 237 17.07 8.00 -11.30
N GLU A 238 17.89 8.52 -10.40
CA GLU A 238 19.33 8.46 -10.60
C GLU A 238 19.93 7.16 -10.08
N ASN A 239 19.15 6.30 -9.42
CA ASN A 239 19.64 4.97 -9.07
C ASN A 239 18.47 3.99 -9.04
N LEU A 240 17.86 3.77 -10.21
CA LEU A 240 16.65 2.96 -10.31
C LEU A 240 16.90 1.51 -9.92
N GLU A 241 18.08 0.98 -10.21
CA GLU A 241 18.42 -0.38 -9.81
C GLU A 241 18.36 -0.52 -8.29
N LYS A 242 18.86 0.49 -7.57
CA LYS A 242 18.81 0.47 -6.11
C LYS A 242 17.37 0.52 -5.60
N TYR A 243 16.48 1.23 -6.31
CA TYR A 243 15.22 1.66 -5.73
C TYR A 243 13.97 0.98 -6.30
N VAL A 244 14.06 0.29 -7.44
CA VAL A 244 12.87 -0.18 -8.15
C VAL A 244 13.06 -1.63 -8.58
N VAL A 245 12.11 -2.50 -8.18
CA VAL A 245 12.11 -3.88 -8.65
C VAL A 245 11.90 -3.91 -10.16
N LYS A 246 12.73 -4.69 -10.85
CA LYS A 246 12.66 -4.83 -12.30
C LYS A 246 12.46 -6.28 -12.67
N ASP A 247 11.46 -6.55 -13.50
CA ASP A 247 11.04 -7.91 -13.80
C ASP A 247 10.70 -8.05 -15.27
N GLY A 248 11.44 -8.91 -15.98
CA GLY A 248 11.16 -9.19 -17.38
C GLY A 248 9.78 -9.77 -17.62
N LYS A 249 9.15 -10.35 -16.59
CA LYS A 249 7.82 -10.93 -16.74
C LYS A 249 6.71 -9.88 -16.80
N LEU A 250 6.99 -8.63 -16.40
CA LEU A 250 5.97 -7.58 -16.48
C LEU A 250 5.50 -7.34 -17.91
N PRO A 251 6.38 -7.03 -18.88
CA PRO A 251 5.86 -6.85 -20.25
C PRO A 251 5.26 -8.11 -20.85
N LEU A 252 5.67 -9.29 -20.38
CA LEU A 252 5.04 -10.52 -20.84
C LEU A 252 3.56 -10.56 -20.45
N LEU A 253 3.28 -10.32 -19.17
CA LEU A 253 1.90 -10.36 -18.67
C LEU A 253 1.05 -9.24 -19.27
N LEU A 254 1.59 -8.02 -19.34
CA LEU A 254 0.85 -6.94 -19.99
C LEU A 254 0.50 -7.32 -21.43
N SER A 255 1.46 -7.89 -22.16
CA SER A 255 1.19 -8.28 -23.54
C SER A 255 0.06 -9.30 -23.61
N ARG A 256 0.08 -10.28 -22.70
CA ARG A 256 -0.99 -11.29 -22.68
C ARG A 256 -2.34 -10.66 -22.35
N MET A 257 -2.36 -9.73 -21.39
CA MET A 257 -3.61 -9.06 -21.05
C MET A 257 -4.17 -8.30 -22.25
N LYS A 258 -3.29 -7.64 -23.02
CA LYS A 258 -3.74 -6.89 -24.18
C LYS A 258 -4.26 -7.78 -25.30
N GLU A 259 -3.97 -9.09 -25.26
CA GLU A 259 -4.50 -10.01 -26.25
C GLU A 259 -5.97 -10.32 -26.02
N VAL A 260 -6.46 -10.21 -24.78
CA VAL A 260 -7.84 -10.55 -24.45
C VAL A 260 -8.62 -9.37 -23.92
N GLY A 261 -8.03 -8.18 -23.88
CA GLY A 261 -8.73 -7.04 -23.34
C GLY A 261 -7.94 -5.78 -23.60
N LYS A 262 -8.49 -4.68 -23.09
CA LYS A 262 -7.83 -3.39 -23.17
C LYS A 262 -7.07 -3.12 -21.88
N VAL A 263 -6.01 -2.30 -21.99
CA VAL A 263 -5.10 -2.05 -20.88
C VAL A 263 -4.93 -0.54 -20.72
N PHE A 264 -5.11 -0.06 -19.48
CA PHE A 264 -4.92 1.36 -19.22
C PHE A 264 -4.11 1.59 -17.95
N LEU A 265 -3.49 2.76 -17.89
CA LEU A 265 -2.78 3.24 -16.73
C LEU A 265 -3.47 4.49 -16.21
N ALA A 266 -3.70 4.56 -14.91
CA ALA A 266 -4.25 5.77 -14.29
C ALA A 266 -3.43 5.99 -13.03
N THR A 267 -2.49 6.90 -13.09
CA THR A 267 -1.59 7.17 -11.98
C THR A 267 -1.75 8.61 -11.51
N ASN A 268 -1.55 8.81 -10.20
CA ASN A 268 -1.45 10.15 -9.66
C ASN A 268 -0.15 10.86 -10.04
N SER A 269 0.88 10.14 -10.49
CA SER A 269 2.17 10.78 -10.83
C SER A 269 2.06 11.64 -12.09
N ASP A 270 3.05 12.51 -12.27
CA ASP A 270 3.12 13.31 -13.50
C ASP A 270 3.73 12.49 -14.63
N TYR A 271 3.67 13.05 -15.84
CA TYR A 271 4.14 12.30 -17.00
C TYR A 271 5.66 12.08 -16.97
N LYS A 272 6.43 13.14 -16.67
CA LYS A 272 7.89 13.03 -16.69
C LYS A 272 8.37 11.89 -15.80
N TYR A 273 7.86 11.83 -14.57
CA TYR A 273 8.27 10.77 -13.67
C TYR A 273 7.80 9.40 -14.17
N THR A 274 6.51 9.29 -14.52
CA THR A 274 5.97 8.06 -15.10
C THR A 274 6.82 7.58 -16.26
N ASP A 275 7.21 8.50 -17.15
CA ASP A 275 7.99 8.12 -18.31
C ASP A 275 9.37 7.58 -17.93
N LYS A 276 10.02 8.19 -16.93
CA LYS A 276 11.33 7.68 -16.51
C LYS A 276 11.19 6.31 -15.88
N ILE A 277 10.22 6.15 -14.97
CA ILE A 277 10.05 4.89 -14.26
C ILE A 277 9.66 3.78 -15.23
N MET A 278 8.61 4.02 -16.02
CA MET A 278 8.12 2.99 -16.95
C MET A 278 9.18 2.62 -17.98
N THR A 279 9.94 3.60 -18.48
CA THR A 279 11.02 3.28 -19.40
C THR A 279 12.01 2.31 -18.76
N TYR A 280 12.35 2.55 -17.50
CA TYR A 280 13.22 1.65 -16.76
C TYR A 280 12.61 0.26 -16.63
N LEU A 281 11.31 0.20 -16.30
CA LEU A 281 10.65 -1.10 -16.09
C LEU A 281 10.60 -1.94 -17.36
N PHE A 282 10.64 -1.31 -18.54
CA PHE A 282 10.57 -2.05 -19.80
C PHE A 282 11.92 -2.12 -20.50
N ASP A 283 12.99 -1.72 -19.84
CA ASP A 283 14.31 -1.66 -20.46
C ASP A 283 14.97 -3.04 -20.38
N PHE A 284 14.63 -3.89 -21.34
CA PHE A 284 15.29 -5.17 -21.57
C PHE A 284 15.69 -5.18 -23.04
N PRO A 285 16.62 -6.07 -23.43
CA PRO A 285 17.02 -6.11 -24.84
C PRO A 285 16.02 -6.87 -25.69
N HIS A 286 14.76 -6.91 -25.27
CA HIS A 286 13.76 -7.71 -25.95
C HIS A 286 12.38 -7.20 -25.56
N GLY A 287 11.37 -7.66 -26.30
CA GLY A 287 9.99 -7.31 -25.99
C GLY A 287 9.38 -8.22 -24.95
N PRO A 288 8.09 -8.56 -25.14
CA PRO A 288 7.38 -9.41 -24.16
C PRO A 288 8.12 -10.68 -23.79
N LYS A 289 8.56 -11.47 -24.79
CA LYS A 289 9.33 -12.69 -24.61
C LYS A 289 10.77 -12.50 -25.08
N PRO A 290 11.74 -13.21 -24.52
CA PRO A 290 13.12 -13.10 -25.02
C PRO A 290 13.18 -13.45 -26.49
N GLY A 291 13.98 -12.68 -27.24
CA GLY A 291 14.10 -12.85 -28.67
C GLY A 291 13.20 -11.99 -29.51
N SER A 292 12.24 -11.29 -28.89
CA SER A 292 11.36 -10.39 -29.64
C SER A 292 11.89 -8.96 -29.58
N SER A 293 11.52 -8.18 -30.60
CA SER A 293 11.93 -6.78 -30.63
C SER A 293 11.41 -6.05 -29.39
N HIS A 294 12.26 -5.23 -28.80
CA HIS A 294 11.82 -4.33 -27.72
C HIS A 294 10.78 -3.35 -28.25
N ARG A 295 9.79 -3.05 -27.42
CA ARG A 295 8.72 -2.11 -27.72
C ARG A 295 8.66 -1.08 -26.60
N PRO A 296 8.36 0.18 -26.92
CA PRO A 296 8.26 1.20 -25.87
C PRO A 296 7.10 0.91 -24.94
N TRP A 297 7.24 1.35 -23.70
CA TRP A 297 6.26 1.02 -22.68
C TRP A 297 4.87 1.52 -23.04
N GLN A 298 4.77 2.62 -23.79
CA GLN A 298 3.45 3.16 -24.12
C GLN A 298 2.66 2.22 -25.00
N SER A 299 3.32 1.45 -25.86
CA SER A 299 2.60 0.57 -26.76
C SER A 299 1.85 -0.54 -26.03
N TYR A 300 2.17 -0.79 -24.75
CA TYR A 300 1.44 -1.78 -23.97
C TYR A 300 0.12 -1.26 -23.41
N PHE A 301 -0.22 0.01 -23.63
CA PHE A 301 -1.41 0.61 -23.04
C PHE A 301 -2.28 1.22 -24.11
N ASP A 302 -3.58 0.89 -24.07
CA ASP A 302 -4.59 1.50 -24.92
C ASP A 302 -4.95 2.90 -24.45
N LEU A 303 -4.72 3.20 -23.18
CA LEU A 303 -5.03 4.51 -22.64
C LEU A 303 -4.05 4.78 -21.50
N ILE A 304 -3.40 5.93 -21.54
CA ILE A 304 -2.44 6.34 -20.52
C ILE A 304 -2.95 7.64 -19.91
N LEU A 305 -3.16 7.65 -18.60
CA LEU A 305 -3.69 8.83 -17.92
C LEU A 305 -2.85 9.11 -16.67
N VAL A 306 -2.38 10.35 -16.55
CA VAL A 306 -1.52 10.77 -15.45
C VAL A 306 -2.22 11.91 -14.73
N ASP A 307 -1.62 12.36 -13.61
CA ASP A 307 -2.22 13.40 -12.76
C ASP A 307 -3.68 13.06 -12.43
N ALA A 308 -3.94 11.79 -12.10
CA ALA A 308 -5.32 11.31 -11.99
C ALA A 308 -6.08 11.93 -10.83
N ARG A 309 -5.38 12.38 -9.77
CA ARG A 309 -6.01 12.93 -8.56
C ARG A 309 -7.05 11.97 -7.98
N LYS A 310 -6.71 10.68 -7.93
CA LYS A 310 -7.51 9.75 -7.13
C LYS A 310 -7.37 10.14 -5.66
N PRO A 311 -8.45 10.00 -4.86
CA PRO A 311 -9.74 9.38 -5.22
C PRO A 311 -10.79 10.30 -5.88
N LEU A 312 -10.57 11.62 -5.87
CA LEU A 312 -11.45 12.56 -6.58
C LEU A 312 -11.74 12.09 -8.00
N PHE A 313 -10.78 11.40 -8.60
CA PHE A 313 -10.91 10.80 -9.93
C PHE A 313 -12.14 9.92 -10.08
N PHE A 314 -12.55 9.23 -9.01
CA PHE A 314 -13.70 8.36 -9.08
C PHE A 314 -15.02 9.07 -8.76
N GLY A 315 -14.96 10.34 -8.41
CA GLY A 315 -16.14 11.17 -8.38
C GLY A 315 -16.16 12.08 -9.60
N GLU A 316 -16.21 13.39 -9.38
CA GLU A 316 -16.30 14.30 -10.51
C GLU A 316 -14.96 14.57 -11.19
N GLY A 317 -13.85 14.24 -10.53
CA GLY A 317 -12.56 14.39 -11.17
C GLY A 317 -12.19 15.85 -11.39
N THR A 318 -11.33 16.07 -12.38
CA THR A 318 -10.88 17.39 -12.82
C THR A 318 -11.00 17.46 -14.34
N VAL A 319 -10.67 18.60 -14.93
CA VAL A 319 -10.83 18.70 -16.37
C VAL A 319 -9.81 17.82 -17.06
N LEU A 320 -10.24 17.22 -18.18
CA LEU A 320 -9.38 16.40 -19.01
C LEU A 320 -8.41 17.29 -19.78
N ARG A 321 -7.12 17.04 -19.59
CA ARG A 321 -6.05 17.73 -20.30
C ARG A 321 -5.27 16.72 -21.13
N GLN A 322 -4.47 17.25 -22.03
CA GLN A 322 -3.63 16.47 -22.93
C GLN A 322 -2.18 16.80 -22.63
N VAL A 323 -1.36 15.76 -22.47
CA VAL A 323 0.07 15.93 -22.22
C VAL A 323 0.78 16.16 -23.55
N ASP A 324 1.65 17.16 -23.58
CA ASP A 324 2.61 17.30 -24.69
C ASP A 324 3.78 16.42 -24.34
N THR A 325 3.84 15.21 -24.92
CA THR A 325 4.82 14.23 -24.47
C THR A 325 6.25 14.59 -24.86
N LYS A 326 6.41 15.48 -25.85
CA LYS A 326 7.74 15.98 -26.22
C LYS A 326 8.34 16.83 -25.10
N THR A 327 7.54 17.73 -24.53
CA THR A 327 8.05 18.67 -23.51
C THR A 327 7.72 18.26 -22.09
N GLY A 328 6.74 17.38 -21.90
CA GLY A 328 6.29 17.02 -20.57
C GLY A 328 5.34 18.01 -19.93
N LYS A 329 4.93 19.06 -20.65
CA LYS A 329 3.99 20.04 -20.14
C LYS A 329 2.58 19.74 -20.66
N LEU A 330 1.58 20.11 -19.87
CA LEU A 330 0.20 20.05 -20.35
C LEU A 330 -0.01 21.06 -21.47
N LYS A 331 -0.73 20.63 -22.52
CA LYS A 331 -1.23 21.58 -23.50
C LYS A 331 -2.20 22.55 -22.83
N ILE A 332 -2.51 23.62 -23.55
CA ILE A 332 -3.34 24.70 -23.02
C ILE A 332 -4.80 24.43 -23.36
N GLY A 333 -5.64 24.34 -22.32
CA GLY A 333 -7.06 24.14 -22.49
C GLY A 333 -7.49 22.71 -22.19
N THR A 334 -8.82 22.52 -22.30
CA THR A 334 -9.48 21.24 -22.07
C THR A 334 -9.47 20.43 -23.35
N TYR A 335 -9.10 19.15 -23.25
CA TYR A 335 -9.06 18.27 -24.42
C TYR A 335 -10.46 17.72 -24.68
N THR A 336 -10.95 17.93 -25.90
CA THR A 336 -12.30 17.55 -26.32
C THR A 336 -12.32 16.54 -27.46
N GLY A 337 -11.16 16.07 -27.92
CA GLY A 337 -11.10 15.13 -29.01
C GLY A 337 -11.35 13.68 -28.59
N PRO A 338 -11.12 12.73 -29.50
CA PRO A 338 -11.37 11.32 -29.19
C PRO A 338 -10.11 10.61 -28.70
N LEU A 339 -10.20 9.31 -28.43
CA LEU A 339 -9.01 8.54 -28.13
C LEU A 339 -8.19 8.39 -29.39
N GLN A 340 -6.91 8.72 -29.32
CA GLN A 340 -6.01 8.58 -30.45
C GLN A 340 -4.78 7.79 -30.04
N HIS A 341 -4.18 7.13 -31.02
CA HIS A 341 -2.92 6.46 -30.75
C HIS A 341 -1.86 7.49 -30.37
N GLY A 342 -1.21 7.27 -29.23
CA GLY A 342 -0.13 8.13 -28.80
C GLY A 342 -0.54 9.30 -27.91
N ILE A 343 -1.82 9.57 -27.76
CA ILE A 343 -2.23 10.66 -26.89
C ILE A 343 -2.13 10.21 -25.43
N VAL A 344 -1.65 11.10 -24.58
CA VAL A 344 -1.52 10.87 -23.14
C VAL A 344 -2.41 11.88 -22.43
N TYR A 345 -3.24 11.39 -21.51
CA TYR A 345 -4.21 12.24 -20.85
C TYR A 345 -3.73 12.67 -19.48
N SER A 346 -4.34 13.75 -18.98
CA SER A 346 -4.04 14.26 -17.65
C SER A 346 -5.35 14.66 -16.97
N GLY A 347 -5.53 14.22 -15.74
CA GLY A 347 -6.74 14.58 -14.99
C GLY A 347 -7.94 13.75 -15.41
N GLY A 348 -9.02 14.42 -15.76
CA GLY A 348 -10.26 13.73 -16.12
C GLY A 348 -10.89 13.03 -14.94
N SER A 349 -11.63 11.95 -15.24
CA SER A 349 -12.29 11.15 -14.22
C SER A 349 -12.36 9.72 -14.71
N SER A 350 -12.87 8.83 -13.84
CA SER A 350 -13.00 7.43 -14.25
C SER A 350 -14.00 7.24 -15.39
N ASP A 351 -14.91 8.20 -15.57
CA ASP A 351 -15.82 8.13 -16.72
C ASP A 351 -15.07 8.31 -18.03
N THR A 352 -13.98 9.08 -18.02
CA THR A 352 -13.10 9.19 -19.18
C THR A 352 -12.67 7.82 -19.67
N ILE A 353 -12.16 7.00 -18.74
CA ILE A 353 -11.73 5.64 -19.07
C ILE A 353 -12.89 4.86 -19.69
N CYS A 354 -14.03 4.83 -19.00
CA CYS A 354 -15.16 4.02 -19.44
C CYS A 354 -15.71 4.49 -20.77
N ASP A 355 -15.79 5.81 -20.97
CA ASP A 355 -16.25 6.32 -22.26
C ASP A 355 -15.25 5.97 -23.37
N LEU A 356 -13.97 6.29 -23.18
CA LEU A 356 -13.00 6.14 -24.27
C LEU A 356 -12.73 4.67 -24.59
N LEU A 357 -12.84 3.78 -23.61
CA LEU A 357 -12.59 2.36 -23.84
C LEU A 357 -13.87 1.56 -23.99
N GLY A 358 -15.03 2.20 -23.96
CA GLY A 358 -16.30 1.49 -24.09
C GLY A 358 -16.47 0.36 -23.10
N ALA A 359 -16.09 0.56 -21.85
CA ALA A 359 -16.23 -0.45 -20.81
C ALA A 359 -17.21 0.01 -19.73
N LYS A 360 -17.98 -0.94 -19.21
CA LYS A 360 -18.79 -0.76 -18.01
C LYS A 360 -18.00 -1.19 -16.78
N GLY A 361 -18.40 -0.66 -15.63
CA GLY A 361 -17.79 -0.96 -14.35
C GLY A 361 -17.27 -2.38 -14.12
N LYS A 362 -18.17 -3.37 -14.08
CA LYS A 362 -17.73 -4.72 -13.77
C LYS A 362 -16.89 -5.36 -14.89
N ASP A 363 -16.83 -4.73 -16.07
CA ASP A 363 -15.93 -5.17 -17.13
C ASP A 363 -14.47 -4.83 -16.82
N ILE A 364 -14.21 -4.00 -15.82
CA ILE A 364 -12.87 -3.49 -15.55
C ILE A 364 -12.31 -4.19 -14.32
N LEU A 365 -11.10 -4.74 -14.46
CA LEU A 365 -10.31 -5.15 -13.32
C LEU A 365 -9.25 -4.08 -13.08
N TYR A 366 -9.35 -3.39 -11.94
CA TYR A 366 -8.43 -2.31 -11.59
C TYR A 366 -7.44 -2.82 -10.56
N ILE A 367 -6.15 -2.67 -10.87
CA ILE A 367 -5.05 -3.24 -10.11
C ILE A 367 -4.30 -2.09 -9.45
N GLY A 368 -4.34 -2.03 -8.12
CA GLY A 368 -3.79 -0.90 -7.41
C GLY A 368 -3.24 -1.34 -6.06
N ASP A 369 -2.66 -0.39 -5.34
CA ASP A 369 -2.14 -0.66 -4.02
C ASP A 369 -2.76 0.21 -2.92
N HIS A 370 -3.56 1.22 -3.27
CA HIS A 370 -4.20 2.10 -2.28
C HIS A 370 -5.53 1.47 -1.88
N ILE A 371 -5.58 0.94 -0.66
CA ILE A 371 -6.80 0.27 -0.19
C ILE A 371 -7.98 1.21 -0.22
N PHE A 372 -7.74 2.49 0.07
CA PHE A 372 -8.78 3.51 -0.01
C PHE A 372 -8.88 4.10 -1.41
N GLY A 373 -7.83 4.77 -1.86
CA GLY A 373 -7.92 5.62 -3.05
C GLY A 373 -8.02 4.86 -4.35
N ASP A 374 -7.51 3.63 -4.38
CA ASP A 374 -7.65 2.79 -5.58
C ASP A 374 -8.81 1.81 -5.46
N ILE A 375 -8.82 1.00 -4.41
CA ILE A 375 -9.70 -0.18 -4.35
C ILE A 375 -11.08 0.20 -3.82
N LEU A 376 -11.16 0.65 -2.58
CA LEU A 376 -12.44 1.03 -1.99
C LEU A 376 -13.23 2.00 -2.88
N LYS A 377 -12.56 3.05 -3.36
CA LYS A 377 -13.30 4.08 -4.09
C LYS A 377 -13.74 3.61 -5.47
N SER A 378 -12.89 2.87 -6.18
CA SER A 378 -13.32 2.39 -7.49
C SER A 378 -14.43 1.35 -7.36
N LYS A 379 -14.37 0.53 -6.30
CA LYS A 379 -15.43 -0.43 -6.05
C LYS A 379 -16.73 0.26 -5.66
N LYS A 380 -16.70 1.14 -4.65
CA LYS A 380 -17.95 1.72 -4.16
C LYS A 380 -18.54 2.72 -5.13
N ARG A 381 -17.72 3.53 -5.78
CA ARG A 381 -18.28 4.61 -6.58
C ARG A 381 -18.62 4.20 -8.00
N GLN A 382 -17.99 3.15 -8.53
CA GLN A 382 -18.09 2.82 -9.93
C GLN A 382 -18.40 1.36 -10.19
N GLY A 383 -18.40 0.51 -9.17
CA GLY A 383 -18.63 -0.90 -9.41
C GLY A 383 -17.51 -1.59 -10.15
N TRP A 384 -16.29 -1.04 -10.10
CA TRP A 384 -15.19 -1.75 -10.73
C TRP A 384 -14.83 -2.99 -9.92
N GLN A 385 -14.31 -4.01 -10.61
CA GLN A 385 -13.69 -5.13 -9.93
C GLN A 385 -12.24 -4.77 -9.60
N THR A 386 -11.70 -5.42 -8.57
CA THR A 386 -10.48 -4.93 -7.92
C THR A 386 -9.48 -6.03 -7.63
N PHE A 387 -8.21 -5.68 -7.81
CA PHE A 387 -7.07 -6.49 -7.44
C PHE A 387 -6.19 -5.59 -6.59
N LEU A 388 -6.03 -5.93 -5.32
CA LEU A 388 -5.16 -5.19 -4.41
C LEU A 388 -3.80 -5.87 -4.36
N VAL A 389 -2.77 -5.13 -4.73
CA VAL A 389 -1.38 -5.53 -4.54
C VAL A 389 -0.99 -5.20 -3.11
N ILE A 390 -0.50 -6.19 -2.37
CA ILE A 390 -0.01 -5.91 -1.02
C ILE A 390 1.47 -6.32 -0.93
N PRO A 391 2.40 -5.39 -1.12
CA PRO A 391 3.82 -5.78 -1.21
C PRO A 391 4.33 -6.57 -0.02
N GLU A 392 4.02 -6.14 1.21
CA GLU A 392 4.51 -6.81 2.42
C GLU A 392 4.07 -8.28 2.50
N LEU A 393 3.02 -8.68 1.75
CA LEU A 393 2.52 -10.05 1.87
C LEU A 393 3.56 -11.07 1.45
N ALA A 394 4.48 -10.67 0.55
CA ALA A 394 5.54 -11.57 0.11
C ALA A 394 6.38 -12.04 1.28
N GLN A 395 6.49 -11.21 2.33
CA GLN A 395 7.18 -11.61 3.55
C GLN A 395 6.23 -12.02 4.67
N GLU A 396 5.06 -11.39 4.79
CA GLU A 396 4.09 -11.82 5.79
C GLU A 396 3.70 -13.28 5.60
N LEU A 397 3.54 -13.71 4.34
CA LEU A 397 3.25 -15.12 4.08
C LEU A 397 4.33 -16.01 4.66
N HIS A 398 5.60 -15.67 4.43
CA HIS A 398 6.66 -16.52 4.95
C HIS A 398 6.63 -16.61 6.47
N VAL A 399 6.41 -15.48 7.16
CA VAL A 399 6.29 -15.54 8.61
C VAL A 399 5.08 -16.39 8.99
N TRP A 400 3.97 -16.21 8.27
CA TRP A 400 2.73 -16.90 8.62
C TRP A 400 2.92 -18.42 8.59
N THR A 401 3.51 -18.91 7.51
CA THR A 401 3.66 -20.36 7.35
C THR A 401 4.74 -20.91 8.27
N ASP A 402 5.83 -20.16 8.48
CA ASP A 402 6.90 -20.63 9.35
C ASP A 402 6.46 -20.71 10.81
N LYS A 403 5.60 -19.79 11.26
CA LYS A 403 5.14 -19.75 12.65
C LYS A 403 3.67 -20.13 12.77
N SER A 404 3.20 -21.05 11.92
CA SER A 404 1.81 -21.50 12.03
C SER A 404 1.56 -22.20 13.36
N SER A 405 2.58 -22.82 13.95
CA SER A 405 2.41 -23.49 15.24
C SER A 405 2.05 -22.50 16.33
N LEU A 406 2.58 -21.28 16.26
CA LEU A 406 2.20 -20.25 17.23
C LEU A 406 0.71 -19.92 17.12
N PHE A 407 0.23 -19.69 15.88
CA PHE A 407 -1.16 -19.31 15.68
C PHE A 407 -2.10 -20.46 16.00
N GLU A 408 -1.74 -21.68 15.58
CA GLU A 408 -2.57 -22.85 15.89
C GLU A 408 -2.69 -23.02 17.40
N GLU A 409 -1.61 -22.77 18.14
CA GLU A 409 -1.70 -22.84 19.59
C GLU A 409 -2.63 -21.77 20.14
N LEU A 410 -2.55 -20.55 19.60
CA LEU A 410 -3.44 -19.48 20.03
C LEU A 410 -4.90 -19.83 19.77
N GLN A 411 -5.21 -20.33 18.57
CA GLN A 411 -6.55 -20.81 18.28
C GLN A 411 -6.99 -21.85 19.31
N SER A 412 -6.09 -22.77 19.67
CA SER A 412 -6.43 -23.82 20.62
C SER A 412 -6.67 -23.25 22.02
N LEU A 413 -5.89 -22.26 22.43
CA LEU A 413 -6.12 -21.61 23.70
C LEU A 413 -7.45 -20.87 23.70
N ASP A 414 -7.77 -20.19 22.59
CA ASP A 414 -9.05 -19.47 22.49
C ASP A 414 -10.22 -20.42 22.70
N ILE A 415 -10.17 -21.59 22.05
CA ILE A 415 -11.27 -22.54 22.16
C ILE A 415 -11.35 -23.11 23.56
N PHE A 416 -10.21 -23.36 24.19
CA PHE A 416 -10.20 -23.91 25.54
C PHE A 416 -10.77 -22.91 26.54
N LEU A 417 -10.27 -21.66 26.50
CA LEU A 417 -10.78 -20.62 27.39
C LEU A 417 -12.29 -20.46 27.25
N ALA A 418 -12.82 -20.60 26.03
CA ALA A 418 -14.25 -20.43 25.83
C ALA A 418 -15.05 -21.55 26.51
N GLU A 419 -14.53 -22.78 26.48
CA GLU A 419 -15.22 -23.90 27.12
C GLU A 419 -15.29 -23.73 28.63
N LEU A 420 -14.34 -23.04 29.23
CA LEU A 420 -14.41 -22.70 30.63
C LEU A 420 -15.52 -21.68 30.87
N ILE A 434 -7.82 -20.93 35.26
CA ILE A 434 -8.49 -20.27 34.14
C ILE A 434 -7.69 -19.03 33.72
N SER A 435 -7.56 -18.08 34.65
CA SER A 435 -6.80 -16.87 34.37
C SER A 435 -5.34 -17.16 34.05
N SER A 436 -4.85 -18.36 34.38
CA SER A 436 -3.55 -18.78 33.88
C SER A 436 -3.54 -18.86 32.36
N ILE A 437 -4.69 -19.17 31.77
CA ILE A 437 -4.77 -19.28 30.31
C ILE A 437 -4.86 -17.90 29.67
N GLN A 438 -5.50 -16.93 30.32
CA GLN A 438 -5.52 -15.57 29.79
C GLN A 438 -4.11 -15.01 29.65
N ARG A 439 -3.22 -15.33 30.59
CA ARG A 439 -1.85 -14.84 30.52
C ARG A 439 -1.04 -15.59 29.45
N ARG A 440 -1.28 -16.89 29.31
CA ARG A 440 -0.68 -17.64 28.21
C ARG A 440 -1.13 -17.08 26.86
N ILE A 441 -2.38 -16.64 26.78
CA ILE A 441 -2.92 -16.08 25.53
C ILE A 441 -2.20 -14.80 25.15
N LYS A 442 -1.92 -13.92 26.14
CA LYS A 442 -1.18 -12.70 25.85
C LYS A 442 0.27 -12.99 25.50
N LYS A 443 0.86 -13.99 26.17
CA LYS A 443 2.25 -14.37 25.88
C LYS A 443 2.40 -14.84 24.44
N VAL A 444 1.56 -15.79 24.01
CA VAL A 444 1.62 -16.30 22.65
C VAL A 444 1.31 -15.19 21.66
N THR A 445 0.32 -14.35 21.98
CA THR A 445 -0.04 -13.25 21.10
C THR A 445 1.15 -12.33 20.88
N HIS A 446 1.85 -11.96 21.96
CA HIS A 446 3.02 -11.10 21.84
C HIS A 446 4.11 -11.77 21.03
N ASP A 447 4.39 -13.05 21.33
CA ASP A 447 5.46 -13.77 20.63
C ASP A 447 5.16 -13.91 19.14
N MET A 448 3.89 -14.11 18.79
CA MET A 448 3.52 -14.20 17.38
C MET A 448 3.68 -12.85 16.68
N ASP A 449 3.17 -11.78 17.30
CA ASP A 449 3.23 -10.45 16.69
C ASP A 449 4.68 -10.00 16.46
N MET A 450 5.57 -10.29 17.42
CA MET A 450 6.94 -9.80 17.30
C MET A 450 7.65 -10.37 16.10
N CYS A 451 7.24 -11.55 15.59
CA CYS A 451 7.88 -12.12 14.41
C CYS A 451 7.70 -11.23 13.18
N TYR A 452 6.69 -10.36 13.17
CA TYR A 452 6.39 -9.46 12.06
C TYR A 452 7.04 -8.08 12.21
N GLY A 453 7.47 -7.72 13.42
CA GLY A 453 7.91 -6.39 13.75
C GLY A 453 7.31 -5.95 15.07
N MET A 454 7.75 -4.77 15.52
CA MET A 454 7.30 -4.25 16.81
C MET A 454 5.82 -3.91 16.79
N MET A 455 5.29 -3.60 15.62
CA MET A 455 3.88 -3.31 15.42
C MET A 455 3.12 -4.48 14.83
N GLY A 456 3.72 -5.66 14.79
CA GLY A 456 2.97 -6.87 14.46
C GLY A 456 2.57 -6.99 13.00
N SER A 457 1.79 -8.02 12.74
CA SER A 457 1.34 -8.30 11.39
C SER A 457 0.44 -7.18 10.87
N LEU A 458 0.56 -6.93 9.57
CA LEU A 458 -0.33 -6.01 8.89
C LEU A 458 -1.80 -6.42 9.02
N PHE A 459 -2.08 -7.71 9.17
CA PHE A 459 -3.43 -8.23 9.07
C PHE A 459 -4.08 -8.53 10.40
N ARG A 460 -3.31 -8.57 11.48
CA ARG A 460 -3.88 -8.97 12.75
C ARG A 460 -2.87 -8.68 13.85
N SER A 461 -3.38 -8.69 15.08
CA SER A 461 -2.58 -8.78 16.30
C SER A 461 -3.15 -9.96 17.07
N GLY A 462 -2.41 -11.05 17.12
CA GLY A 462 -2.96 -12.26 17.71
C GLY A 462 -4.13 -12.78 16.87
N SER A 463 -5.22 -13.12 17.54
CA SER A 463 -6.39 -13.63 16.85
C SER A 463 -7.35 -12.54 16.42
N ARG A 464 -7.00 -11.27 16.61
CA ARG A 464 -7.88 -10.15 16.29
C ARG A 464 -7.43 -9.50 14.98
N GLN A 465 -8.33 -9.45 14.01
CA GLN A 465 -8.01 -8.87 12.71
C GLN A 465 -7.93 -7.35 12.78
N THR A 466 -7.02 -6.78 11.98
CA THR A 466 -6.89 -5.34 11.88
C THR A 466 -7.96 -4.74 10.98
N LEU A 467 -8.16 -3.42 11.12
CA LEU A 467 -8.96 -2.66 10.18
C LEU A 467 -8.53 -2.93 8.74
N PHE A 468 -7.22 -2.89 8.50
CA PHE A 468 -6.72 -3.07 7.14
C PHE A 468 -7.11 -4.43 6.56
N ALA A 469 -6.97 -5.50 7.35
CA ALA A 469 -7.42 -6.81 6.90
C ALA A 469 -8.91 -6.78 6.55
N SER A 470 -9.71 -6.13 7.39
CA SER A 470 -11.14 -6.06 7.14
C SER A 470 -11.44 -5.35 5.83
N GLN A 471 -10.74 -4.25 5.57
CA GLN A 471 -10.92 -3.53 4.32
C GLN A 471 -10.50 -4.37 3.12
N VAL A 472 -9.41 -5.12 3.25
CA VAL A 472 -8.98 -5.99 2.16
C VAL A 472 -10.09 -6.98 1.82
N MET A 473 -10.62 -7.67 2.83
CA MET A 473 -11.63 -8.70 2.56
C MET A 473 -12.88 -8.08 1.93
N ARG A 474 -13.25 -6.88 2.36
CA ARG A 474 -14.50 -6.28 1.91
C ARG A 474 -14.41 -5.64 0.53
N TYR A 475 -13.26 -5.08 0.16
CA TYR A 475 -13.21 -4.28 -1.05
C TYR A 475 -12.30 -4.83 -2.14
N ALA A 476 -11.35 -5.70 -1.81
CA ALA A 476 -10.46 -6.31 -2.81
C ALA A 476 -11.05 -7.65 -3.23
N ASP A 477 -11.53 -7.73 -4.47
CA ASP A 477 -12.02 -9.02 -4.96
C ASP A 477 -10.90 -10.04 -5.01
N LEU A 478 -9.73 -9.62 -5.52
CA LEU A 478 -8.53 -10.44 -5.57
C LEU A 478 -7.41 -9.67 -4.88
N TYR A 479 -6.45 -10.40 -4.34
CA TYR A 479 -5.26 -9.72 -3.82
C TYR A 479 -4.08 -10.67 -3.84
N ALA A 480 -2.89 -10.07 -3.75
CA ALA A 480 -1.65 -10.82 -3.93
C ALA A 480 -0.49 -9.91 -3.56
N ALA A 481 0.66 -10.53 -3.32
CA ALA A 481 1.88 -9.77 -3.07
C ALA A 481 2.26 -8.94 -4.30
N SER A 482 1.97 -9.46 -5.49
CA SER A 482 2.27 -8.84 -6.77
C SER A 482 1.16 -9.21 -7.74
N PHE A 483 0.87 -8.32 -8.68
CA PHE A 483 -0.08 -8.70 -9.71
C PHE A 483 0.53 -9.63 -10.76
N ILE A 484 1.85 -9.74 -10.80
CA ILE A 484 2.52 -10.68 -11.70
C ILE A 484 1.98 -12.08 -11.50
N ASN A 485 1.42 -12.36 -10.31
CA ASN A 485 0.92 -13.72 -10.03
C ASN A 485 -0.21 -14.11 -10.97
N LEU A 486 -0.89 -13.13 -11.59
CA LEU A 486 -1.89 -13.43 -12.61
C LEU A 486 -1.29 -14.13 -13.83
N LEU A 487 0.03 -14.04 -14.02
CA LEU A 487 0.68 -14.73 -15.13
C LEU A 487 0.53 -16.25 -15.05
N TYR A 488 0.35 -16.80 -13.85
CA TYR A 488 0.37 -18.24 -13.64
C TYR A 488 -1.00 -18.89 -13.73
N TYR A 489 -2.03 -18.13 -14.11
CA TYR A 489 -3.39 -18.57 -14.29
C TYR A 489 -3.79 -18.48 -15.75
N PRO A 490 -4.52 -19.45 -16.27
CA PRO A 490 -4.91 -19.41 -17.69
C PRO A 490 -5.87 -18.26 -17.98
N PHE A 491 -6.09 -18.05 -19.28
CA PHE A 491 -6.74 -16.83 -19.76
C PHE A 491 -8.11 -16.62 -19.13
N SER A 492 -8.92 -17.67 -19.06
CA SER A 492 -10.29 -17.55 -18.60
C SER A 492 -10.53 -18.21 -17.25
N TYR A 493 -9.48 -18.25 -16.42
CA TYR A 493 -9.61 -18.83 -15.08
C TYR A 493 -10.78 -18.20 -14.33
N LEU A 494 -11.46 -19.03 -13.54
CA LEU A 494 -12.51 -18.55 -12.65
C LEU A 494 -11.94 -18.62 -11.24
N PHE A 495 -11.57 -17.46 -10.70
CA PHE A 495 -11.25 -17.39 -9.28
C PHE A 495 -12.54 -17.60 -8.46
N ARG A 496 -12.45 -18.42 -7.41
CA ARG A 496 -13.62 -18.83 -6.65
C ARG A 496 -13.45 -18.54 -5.17
N ALA A 497 -14.49 -18.00 -4.56
CA ALA A 497 -14.59 -17.83 -3.12
C ALA A 497 -15.90 -18.48 -2.66
N ALA A 498 -15.87 -19.08 -1.48
CA ALA A 498 -17.07 -19.71 -0.92
C ALA A 498 -18.13 -18.65 -0.62
N HIS A 499 -19.39 -19.01 -0.87
CA HIS A 499 -20.52 -18.13 -0.57
C HIS A 499 -20.62 -17.87 0.94
N VAL A 500 -21.13 -16.71 1.26
CA VAL A 500 -21.39 -16.29 2.64
C VAL A 500 -22.80 -16.70 3.03
N LEU A 501 -22.94 -17.26 4.22
CA LEU A 501 -24.24 -17.55 4.80
C LEU A 501 -24.39 -16.80 6.11
N MET A 502 -25.60 -16.31 6.36
CA MET A 502 -25.89 -15.67 7.62
C MET A 502 -26.00 -16.73 8.71
N PRO A 503 -25.70 -16.35 9.95
CA PRO A 503 -25.79 -17.33 11.05
C PRO A 503 -27.09 -18.09 11.08
N HIS A 504 -28.23 -17.43 10.85
CA HIS A 504 -29.51 -18.13 10.87
C HIS A 504 -29.75 -18.94 9.61
N GLU A 505 -28.91 -18.79 8.59
CA GLU A 505 -29.05 -19.60 7.39
C GLU A 505 -28.26 -20.91 7.46
N SER A 506 -27.51 -21.13 8.54
CA SER A 506 -26.61 -22.29 8.65
C SER A 506 -27.24 -23.45 9.43
P IMP B . -0.06 6.04 -8.24
O1P IMP B . 0.78 5.50 -9.38
O2P IMP B . -1.46 6.43 -8.63
O3P IMP B . -0.17 4.97 -7.17
O5' IMP B . 0.59 7.36 -7.59
C5' IMP B . 1.97 7.49 -7.24
C4' IMP B . 2.32 8.94 -6.91
O4' IMP B . 1.77 9.35 -5.62
C3' IMP B . 3.82 9.30 -6.87
O3' IMP B . 4.08 10.43 -7.72
C2' IMP B . 4.07 9.71 -5.41
O2' IMP B . 5.07 10.69 -5.24
C1' IMP B . 2.68 10.21 -4.98
N9 IMP B . 2.48 10.16 -3.52
C8 IMP B . 2.24 9.04 -2.77
N7 IMP B . 2.13 9.38 -1.46
C5 IMP B . 2.30 10.71 -1.33
C6 IMP B . 2.27 11.57 -0.23
O6 IMP B . 2.35 11.11 0.92
N1 IMP B . 2.47 12.92 -0.41
C2 IMP B . 2.69 13.40 -1.68
N3 IMP B . 2.71 12.55 -2.77
C4 IMP B . 2.52 11.22 -2.61
#